data_4KG7
#
_entry.id   4KG7
#
_cell.length_a   42.820
_cell.length_b   46.950
_cell.length_c   47.540
_cell.angle_alpha   77.270
_cell.angle_beta   68.350
_cell.angle_gamma   74.470
#
_symmetry.space_group_name_H-M   'P 1'
#
loop_
_entity.id
_entity.type
_entity.pdbx_description
1 polymer 'Peptidase S8 and S53, subtilisin, kexin, sedolisin'
2 non-polymer 'CHLORIDE ION'
3 water water
#
_entity_poly.entity_id   1
_entity_poly.type   'polypeptide(L)'
_entity_poly.pdbx_seq_one_letter_code
;GAMVSPPQVDPQIAPPPGTAGPAQPMMQRSECITTSVLPGTDPGAVSPNQLALNLSGAWQHSRGAGQTVAVIDTGVQPGP
RLPNVEAGGDYIESTDGLTDCDGHGTSVAGLIAGQPGPDGFSGVAPEARLISIRQNSPRFAPRTPGADSEATRAASDAET
LARAVVRAADMGARVINISLVTCLPADRTIDQSVLGAALRYAALEKDAVIVAAAGNNRGGVSTGAACESNPLPSGTPGDP
RNWNGVTSVSIPSWWQPYVLSVGAVDSTGQPSSFTMAGPWVGIAAPGENIVSVSNAPDGGLSNALPSERDRLVPLTGTSY
AAAYVSGVAALVRSKFPDLTARQVVHRLTTTAQGAARSPSNLIGAGMVDPVAALTWDVADV
;
_entity_poly.pdbx_strand_id   A
#
# COMPACT_ATOMS: atom_id res chain seq x y z
N VAL A 4 1.12 -25.28 3.59
CA VAL A 4 0.77 -23.85 3.29
C VAL A 4 -0.17 -23.78 2.10
N SER A 5 -1.35 -23.23 2.34
CA SER A 5 -2.39 -23.19 1.32
C SER A 5 -3.05 -21.83 1.37
N PRO A 6 -3.74 -21.43 0.30
CA PRO A 6 -4.36 -20.12 0.33
C PRO A 6 -5.30 -19.96 1.55
N PRO A 7 -5.26 -18.79 2.24
CA PRO A 7 -6.07 -18.62 3.44
C PRO A 7 -7.56 -18.53 3.09
N GLN A 8 -8.38 -18.93 4.04
CA GLN A 8 -9.82 -18.96 3.88
C GLN A 8 -10.42 -18.40 5.13
N VAL A 9 -11.42 -17.53 4.99
CA VAL A 9 -12.13 -17.01 6.16
C VAL A 9 -12.84 -18.14 6.89
N ASP A 10 -12.95 -17.98 8.21
CA ASP A 10 -13.79 -18.84 9.03
C ASP A 10 -15.15 -18.16 9.17
N PRO A 11 -16.21 -18.74 8.57
CA PRO A 11 -17.50 -18.02 8.59
C PRO A 11 -18.10 -17.79 9.98
N GLN A 12 -17.60 -18.48 11.00
CA GLN A 12 -18.02 -18.24 12.38
C GLN A 12 -17.37 -17.02 13.04
N ILE A 13 -16.35 -16.45 12.39
CA ILE A 13 -15.63 -15.34 12.97
C ILE A 13 -16.09 -14.00 12.36
N ALA A 14 -16.57 -13.11 13.22
CA ALA A 14 -17.06 -11.80 12.80
C ALA A 14 -15.91 -10.83 12.48
N PRO A 15 -16.16 -9.87 11.59
CA PRO A 15 -15.17 -8.82 11.49
C PRO A 15 -15.08 -8.06 12.82
N PRO A 16 -13.92 -7.44 13.09
CA PRO A 16 -13.82 -6.62 14.27
C PRO A 16 -14.56 -5.30 14.09
N PRO A 17 -14.81 -4.58 15.20
CA PRO A 17 -15.18 -3.16 15.10
C PRO A 17 -14.07 -2.30 14.50
N GLY A 18 -14.41 -1.11 14.00
CA GLY A 18 -13.44 -0.16 13.48
C GLY A 18 -12.92 0.88 14.50
N THR A 19 -13.08 0.60 15.79
CA THR A 19 -12.57 1.41 16.86
C THR A 19 -11.12 1.72 16.62
N ALA A 20 -10.73 2.96 16.90
CA ALA A 20 -9.33 3.33 16.80
C ALA A 20 -8.62 3.11 18.14
N GLY A 21 -7.35 3.49 18.19
CA GLY A 21 -6.54 3.43 19.40
C GLY A 21 -5.68 2.18 19.51
N PRO A 22 -4.54 2.28 20.18
CA PRO A 22 -3.69 1.11 20.39
C PRO A 22 -4.28 0.16 21.43
N ALA A 23 -3.86 -1.11 21.39
CA ALA A 23 -4.33 -2.11 22.33
C ALA A 23 -3.75 -1.88 23.73
N GLN A 24 -2.53 -1.31 23.76
CA GLN A 24 -1.90 -0.86 25.01
C GLN A 24 -1.18 0.45 24.75
N PRO A 25 -0.93 1.21 25.81
CA PRO A 25 -0.25 2.48 25.64
C PRO A 25 1.10 2.34 24.96
N MET A 26 1.42 3.28 24.06
CA MET A 26 2.65 3.27 23.27
C MET A 26 3.50 4.46 23.66
N MET A 27 4.81 4.34 23.46
CA MET A 27 5.74 5.45 23.72
C MET A 27 6.63 5.59 22.51
N GLN A 28 7.04 6.83 22.23
CA GLN A 28 7.93 7.09 21.10
C GLN A 28 9.36 6.71 21.52
N ARG A 29 10.01 5.83 20.76
CA ARG A 29 11.35 5.34 21.12
C ARG A 29 12.47 5.93 20.27
N SER A 30 12.10 6.50 19.11
CA SER A 30 13.05 7.04 18.15
C SER A 30 12.55 8.41 17.73
N GLU A 31 13.49 9.28 17.41
CA GLU A 31 13.18 10.62 16.91
C GLU A 31 12.40 10.52 15.59
N CYS A 32 11.45 11.42 15.40
CA CYS A 32 10.76 11.49 14.11
C CYS A 32 11.73 11.82 12.96
N ILE A 33 11.32 11.41 11.78
CA ILE A 33 12.06 11.50 10.53
C ILE A 33 11.20 12.29 9.54
N THR A 34 11.86 13.07 8.71
CA THR A 34 11.25 13.64 7.53
C THR A 34 12.02 13.22 6.28
N THR A 35 11.31 13.13 5.17
CA THR A 35 11.95 12.87 3.87
C THR A 35 12.59 14.15 3.31
N SER A 36 13.64 13.98 2.54
CA SER A 36 14.52 15.07 2.13
C SER A 36 14.84 14.95 0.64
N VAL A 37 15.51 15.96 0.12
CA VAL A 37 16.00 15.95 -1.26
C VAL A 37 17.40 15.32 -1.32
N LEU A 38 17.56 14.33 -2.20
CA LEU A 38 18.83 13.69 -2.41
C LEU A 38 19.75 14.63 -3.18
N PRO A 39 20.95 14.95 -2.64
CA PRO A 39 21.79 15.86 -3.37
C PRO A 39 22.16 15.34 -4.77
N GLY A 40 22.17 16.26 -5.73
CA GLY A 40 22.49 15.89 -7.09
C GLY A 40 21.30 15.51 -7.93
N THR A 41 20.12 15.49 -7.32
CA THR A 41 18.90 15.19 -8.06
C THR A 41 18.09 16.45 -8.29
N ASP A 42 17.13 16.34 -9.21
CA ASP A 42 16.18 17.39 -9.48
C ASP A 42 14.79 16.77 -9.31
N PRO A 43 14.26 16.83 -8.07
CA PRO A 43 12.94 16.22 -7.84
C PRO A 43 11.82 16.89 -8.59
N GLY A 44 12.04 18.13 -9.03
CA GLY A 44 11.01 18.90 -9.76
C GLY A 44 10.82 18.48 -11.19
N ALA A 45 11.78 17.76 -11.75
CA ALA A 45 11.61 17.20 -13.08
C ALA A 45 10.56 16.09 -13.06
N VAL A 46 9.81 15.95 -14.15
CA VAL A 46 8.83 14.85 -14.24
C VAL A 46 9.55 13.51 -14.08
N SER A 47 9.10 12.69 -13.14
CA SER A 47 9.76 11.42 -12.89
C SER A 47 9.54 10.47 -14.07
N PRO A 48 10.57 9.71 -14.44
CA PRO A 48 10.38 8.61 -15.39
C PRO A 48 9.30 7.61 -14.97
N ASN A 49 9.04 7.50 -13.68
CA ASN A 49 7.96 6.65 -13.21
C ASN A 49 6.59 7.14 -13.67
N GLN A 50 6.38 8.45 -13.70
CA GLN A 50 5.14 9.00 -14.24
C GLN A 50 5.04 8.67 -15.73
N LEU A 51 6.14 8.83 -16.46
CA LEU A 51 6.15 8.60 -17.90
C LEU A 51 5.88 7.13 -18.23
N ALA A 52 6.40 6.24 -17.40
CA ALA A 52 6.12 4.80 -17.54
C ALA A 52 4.61 4.49 -17.48
N LEU A 53 3.89 5.27 -16.66
CA LEU A 53 2.46 5.07 -16.44
C LEU A 53 1.58 5.86 -17.38
N ASN A 54 2.20 6.75 -18.17
CA ASN A 54 1.45 7.71 -19.01
C ASN A 54 0.30 8.35 -18.25
N LEU A 55 0.63 8.99 -17.13
CA LEU A 55 -0.41 9.70 -16.37
C LEU A 55 -1.01 10.86 -17.15
N SER A 56 -0.22 11.53 -18.00
CA SER A 56 -0.80 12.56 -18.89
C SER A 56 -1.98 12.05 -19.71
N GLY A 57 -1.78 10.90 -20.33
CA GLY A 57 -2.85 10.26 -21.08
C GLY A 57 -4.02 9.90 -20.19
N ALA A 58 -3.73 9.39 -19.00
CA ALA A 58 -4.79 8.97 -18.09
C ALA A 58 -5.69 10.12 -17.65
N TRP A 59 -5.07 11.28 -17.39
CA TRP A 59 -5.83 12.44 -16.91
C TRP A 59 -6.82 13.02 -17.93
N GLN A 60 -6.68 12.66 -19.20
CA GLN A 60 -7.65 12.97 -20.21
C GLN A 60 -8.92 12.14 -20.07
N HIS A 61 -8.87 11.06 -19.28
CA HIS A 61 -10.04 10.25 -18.98
C HIS A 61 -10.59 10.47 -17.58
N SER A 62 -9.72 10.70 -16.61
CA SER A 62 -10.13 10.79 -15.21
C SER A 62 -9.03 11.40 -14.37
N ARG A 63 -9.43 12.13 -13.33
CA ARG A 63 -8.49 12.63 -12.30
C ARG A 63 -8.89 12.14 -10.89
N GLY A 64 -9.88 11.24 -10.82
CA GLY A 64 -10.25 10.61 -9.56
C GLY A 64 -11.38 11.32 -8.83
N ALA A 65 -12.09 12.24 -9.49
CA ALA A 65 -13.17 12.96 -8.84
C ALA A 65 -14.20 12.02 -8.21
N GLY A 66 -14.63 12.39 -7.00
CA GLY A 66 -15.64 11.68 -6.26
C GLY A 66 -15.17 10.48 -5.49
N GLN A 67 -13.89 10.14 -5.62
CA GLN A 67 -13.37 8.93 -4.99
C GLN A 67 -12.66 9.26 -3.69
N THR A 68 -12.82 8.38 -2.71
CA THR A 68 -12.14 8.51 -1.43
C THR A 68 -11.19 7.33 -1.28
N VAL A 69 -9.91 7.60 -1.04
CA VAL A 69 -8.90 6.58 -0.83
C VAL A 69 -8.42 6.65 0.59
N ALA A 70 -8.51 5.53 1.31
CA ALA A 70 -7.95 5.48 2.66
C ALA A 70 -6.49 5.07 2.59
N VAL A 71 -5.64 5.78 3.33
CA VAL A 71 -4.21 5.51 3.43
C VAL A 71 -4.00 4.98 4.84
N ILE A 72 -3.84 3.67 4.95
CA ILE A 72 -3.60 2.98 6.22
C ILE A 72 -2.10 2.88 6.32
N ASP A 73 -1.48 3.73 7.14
CA ASP A 73 -0.03 3.92 7.03
C ASP A 73 0.51 4.57 8.30
N THR A 74 1.60 5.31 8.17
CA THR A 74 2.26 5.96 9.30
C THR A 74 1.71 7.38 9.58
N GLY A 75 0.51 7.70 9.07
CA GLY A 75 0.01 9.07 9.15
C GLY A 75 0.38 9.84 7.90
N VAL A 76 -0.33 10.94 7.67
CA VAL A 76 -0.12 11.79 6.51
C VAL A 76 -0.05 13.21 6.99
N GLN A 77 1.04 13.89 6.69
CA GLN A 77 1.21 15.29 7.07
C GLN A 77 0.61 16.24 6.05
N PRO A 78 -0.47 16.96 6.43
CA PRO A 78 -1.03 17.88 5.45
C PRO A 78 -0.07 19.00 5.09
N GLY A 79 -0.20 19.48 3.87
CA GLY A 79 0.56 20.64 3.46
C GLY A 79 0.04 21.17 2.14
N PRO A 80 0.75 22.10 1.52
CA PRO A 80 0.23 22.67 0.27
C PRO A 80 -0.01 21.69 -0.86
N ARG A 81 0.72 20.58 -0.88
CA ARG A 81 0.52 19.57 -1.93
C ARG A 81 -0.45 18.48 -1.50
N LEU A 82 -0.85 18.50 -0.21
CA LEU A 82 -1.84 17.58 0.34
C LEU A 82 -2.85 18.34 1.20
N PRO A 83 -3.67 19.18 0.57
CA PRO A 83 -4.77 19.88 1.22
C PRO A 83 -6.03 19.00 1.23
N ASN A 84 -5.94 17.81 0.64
CA ASN A 84 -7.12 16.99 0.40
C ASN A 84 -7.14 15.76 1.32
N VAL A 85 -6.69 15.95 2.57
CA VAL A 85 -6.61 14.81 3.54
C VAL A 85 -7.50 14.97 4.77
N GLU A 86 -8.31 13.94 4.99
CA GLU A 86 -9.31 13.86 6.05
CA GLU A 86 -9.26 13.91 6.07
C GLU A 86 -8.73 13.01 7.18
N ALA A 87 -9.05 13.37 8.42
CA ALA A 87 -8.63 12.60 9.58
C ALA A 87 -9.33 11.26 9.64
N GLY A 88 -8.56 10.18 9.82
CA GLY A 88 -9.12 8.84 10.00
C GLY A 88 -8.68 8.19 11.29
N GLY A 89 -7.91 8.88 12.12
CA GLY A 89 -7.57 8.39 13.44
C GLY A 89 -6.22 7.71 13.53
N ASP A 90 -5.99 7.09 14.70
CA ASP A 90 -4.63 6.69 15.11
C ASP A 90 -4.72 5.42 15.96
N TYR A 91 -3.85 4.47 15.64
CA TYR A 91 -3.73 3.19 16.37
C TYR A 91 -2.41 3.14 17.15
N ILE A 92 -1.69 4.28 17.21
CA ILE A 92 -0.39 4.37 17.91
C ILE A 92 -0.51 5.32 19.09
N GLU A 93 -0.82 6.58 18.82
CA GLU A 93 -1.17 7.56 19.84
C GLU A 93 -2.66 7.86 19.70
N SER A 94 -3.07 9.08 20.08
CA SER A 94 -4.48 9.48 20.03
CA SER A 94 -4.48 9.48 20.04
C SER A 94 -4.68 10.67 19.11
N THR A 95 -3.82 10.79 18.11
CA THR A 95 -3.92 11.85 17.11
C THR A 95 -5.06 11.56 16.15
N ASP A 96 -5.25 12.47 15.20
CA ASP A 96 -6.28 12.38 14.18
C ASP A 96 -5.82 11.66 12.93
N GLY A 97 -4.59 11.18 12.91
CA GLY A 97 -4.07 10.54 11.74
C GLY A 97 -3.30 11.49 10.83
N LEU A 98 -3.24 12.77 11.20
CA LEU A 98 -2.62 13.81 10.35
C LEU A 98 -1.25 14.26 10.88
N THR A 99 -0.64 13.37 11.65
CA THR A 99 0.73 13.52 12.06
C THR A 99 1.54 12.32 11.54
N ASP A 100 2.58 12.60 10.76
CA ASP A 100 3.44 11.56 10.24
C ASP A 100 4.86 11.74 10.79
N CYS A 101 5.24 10.87 11.70
CA CYS A 101 6.55 10.91 12.36
C CYS A 101 7.61 10.14 11.55
N ASP A 102 7.20 9.55 10.43
CA ASP A 102 8.07 8.63 9.67
C ASP A 102 8.36 9.11 8.25
N GLY A 103 7.41 9.76 7.63
CA GLY A 103 7.54 10.25 6.27
C GLY A 103 6.83 9.37 5.25
N HIS A 104 6.54 8.14 5.65
CA HIS A 104 6.13 7.11 4.71
C HIS A 104 4.71 7.32 4.21
N GLY A 105 3.80 7.53 5.16
CA GLY A 105 2.41 7.80 4.82
C GLY A 105 2.26 9.02 3.91
N THR A 106 3.04 10.03 4.21
CA THR A 106 3.00 11.24 3.40
C THR A 106 3.46 11.00 1.97
N SER A 107 4.54 10.25 1.82
CA SER A 107 5.04 9.91 0.48
C SER A 107 4.02 9.08 -0.28
N VAL A 108 3.40 8.15 0.44
CA VAL A 108 2.36 7.30 -0.17
C VAL A 108 1.15 8.15 -0.60
N ALA A 109 0.66 8.98 0.31
CA ALA A 109 -0.48 9.85 0.02
C ALA A 109 -0.17 10.75 -1.18
N GLY A 110 1.04 11.28 -1.25
CA GLY A 110 1.41 12.14 -2.34
C GLY A 110 1.32 11.47 -3.69
N LEU A 111 1.77 10.22 -3.76
CA LEU A 111 1.70 9.50 -5.03
C LEU A 111 0.26 9.28 -5.46
N ILE A 112 -0.62 9.02 -4.49
CA ILE A 112 -2.02 8.71 -4.76
C ILE A 112 -2.77 9.96 -5.24
N ALA A 113 -2.65 11.06 -4.50
CA ALA A 113 -3.52 12.21 -4.76
C ALA A 113 -2.86 13.53 -4.38
N GLY A 114 -1.53 13.59 -4.41
CA GLY A 114 -0.84 14.87 -4.30
C GLY A 114 -1.22 15.83 -5.43
N GLN A 115 -1.12 17.12 -5.16
CA GLN A 115 -1.57 18.12 -6.10
C GLN A 115 -0.47 18.52 -7.05
N PRO A 116 -0.83 18.83 -8.30
CA PRO A 116 0.14 19.44 -9.21
C PRO A 116 0.55 20.79 -8.65
N GLY A 117 1.66 21.32 -9.14
CA GLY A 117 2.19 22.56 -8.60
C GLY A 117 3.23 23.12 -9.54
N PRO A 118 4.14 23.95 -9.01
CA PRO A 118 5.11 24.67 -9.83
C PRO A 118 6.33 23.82 -10.18
N ASP A 119 6.07 22.62 -10.66
CA ASP A 119 7.10 21.63 -10.94
C ASP A 119 6.42 20.48 -11.69
N GLY A 120 7.15 19.38 -11.90
CA GLY A 120 6.67 18.25 -12.70
C GLY A 120 5.96 17.18 -11.92
N PHE A 121 5.67 17.42 -10.65
CA PHE A 121 5.07 16.37 -9.80
C PHE A 121 3.55 16.47 -9.72
N SER A 122 2.88 15.32 -9.80
CA SER A 122 1.46 15.23 -9.49
C SER A 122 1.15 13.85 -8.92
N GLY A 123 0.16 13.80 -8.05
CA GLY A 123 -0.46 12.54 -7.72
C GLY A 123 -1.16 11.93 -8.91
N VAL A 124 -1.42 10.62 -8.85
CA VAL A 124 -2.16 9.93 -9.91
C VAL A 124 -3.58 10.47 -10.05
N ALA A 125 -4.21 10.68 -8.90
CA ALA A 125 -5.63 11.00 -8.81
C ALA A 125 -5.81 12.26 -7.96
N PRO A 126 -5.41 13.44 -8.47
CA PRO A 126 -5.36 14.61 -7.62
C PRO A 126 -6.75 15.13 -7.22
N GLU A 127 -7.80 14.69 -7.91
CA GLU A 127 -9.15 15.11 -7.53
C GLU A 127 -9.81 14.13 -6.53
N ALA A 128 -9.12 13.04 -6.21
CA ALA A 128 -9.60 12.16 -5.16
C ALA A 128 -9.39 12.78 -3.78
N ARG A 129 -10.10 12.30 -2.80
CA ARG A 129 -9.90 12.71 -1.42
C ARG A 129 -9.23 11.58 -0.68
N LEU A 130 -8.43 11.93 0.31
CA LEU A 130 -7.74 10.93 1.08
C LEU A 130 -8.27 10.94 2.50
N ILE A 131 -8.32 9.76 3.10
CA ILE A 131 -8.49 9.61 4.56
C ILE A 131 -7.21 8.98 5.09
N SER A 132 -6.57 9.63 6.07
CA SER A 132 -5.37 9.09 6.70
C SER A 132 -5.67 8.41 8.03
N ILE A 133 -5.34 7.12 8.12
CA ILE A 133 -5.47 6.34 9.36
C ILE A 133 -4.06 5.92 9.72
N ARG A 134 -3.54 6.40 10.83
CA ARG A 134 -2.21 5.96 11.25
C ARG A 134 -2.34 4.62 11.96
N GLN A 135 -1.93 3.58 11.27
CA GLN A 135 -2.04 2.21 11.78
C GLN A 135 -0.75 1.69 12.37
N ASN A 136 0.38 2.26 11.99
CA ASN A 136 1.65 1.84 12.56
C ASN A 136 2.74 2.84 12.44
N SER A 137 3.75 2.67 13.26
CA SER A 137 4.98 3.47 13.16
C SER A 137 6.07 2.71 13.87
N PRO A 138 7.20 2.48 13.18
CA PRO A 138 8.35 1.87 13.86
C PRO A 138 9.05 2.79 14.84
N ARG A 139 8.63 4.05 14.91
CA ARG A 139 9.20 4.99 15.88
C ARG A 139 8.60 4.78 17.28
N PHE A 140 7.60 3.91 17.40
CA PHE A 140 6.88 3.69 18.66
C PHE A 140 6.92 2.22 19.05
N ALA A 141 6.83 2.01 20.35
CA ALA A 141 6.74 0.68 20.92
C ALA A 141 5.86 0.75 22.15
N PRO A 142 5.39 -0.40 22.65
CA PRO A 142 4.64 -0.41 23.90
C PRO A 142 5.41 0.26 25.04
N ARG A 143 4.69 1.01 25.86
CA ARG A 143 5.28 1.68 27.00
C ARG A 143 5.84 0.62 27.98
N THR A 144 5.08 -0.44 28.19
CA THR A 144 5.54 -1.54 29.04
C THR A 144 6.53 -2.38 28.22
N PRO A 145 7.80 -2.48 28.67
CA PRO A 145 8.85 -3.12 27.87
C PRO A 145 8.83 -4.64 28.03
N GLY A 146 7.78 -5.24 27.47
CA GLY A 146 7.55 -6.68 27.57
C GLY A 146 8.14 -7.40 26.37
N ALA A 147 7.64 -8.60 26.11
CA ALA A 147 8.12 -9.38 24.98
C ALA A 147 8.01 -8.53 23.71
N ASP A 148 9.12 -8.40 22.99
CA ASP A 148 9.17 -7.62 21.76
C ASP A 148 9.76 -8.53 20.68
N SER A 149 8.95 -9.50 20.28
CA SER A 149 9.38 -10.51 19.34
C SER A 149 8.73 -10.26 18.00
N GLU A 150 9.20 -10.98 16.99
CA GLU A 150 8.60 -10.84 15.66
C GLU A 150 7.14 -11.27 15.73
N ALA A 151 6.90 -12.37 16.43
CA ALA A 151 5.57 -12.95 16.57
C ALA A 151 4.63 -11.97 17.28
N THR A 152 5.10 -11.39 18.38
CA THR A 152 4.25 -10.50 19.18
C THR A 152 3.95 -9.23 18.42
N ARG A 153 4.98 -8.64 17.80
CA ARG A 153 4.81 -7.43 16.99
C ARG A 153 3.85 -7.70 15.81
N ALA A 154 4.02 -8.85 15.15
CA ALA A 154 3.16 -9.18 14.01
C ALA A 154 1.70 -9.35 14.41
N ALA A 155 1.45 -9.99 15.55
CA ALA A 155 0.09 -10.21 16.01
C ALA A 155 -0.53 -8.87 16.34
N SER A 156 0.24 -8.02 17.00
CA SER A 156 -0.24 -6.67 17.38
C SER A 156 -0.59 -5.85 16.12
N ASP A 157 0.24 -6.00 15.11
CA ASP A 157 0.04 -5.28 13.87
C ASP A 157 -1.20 -5.76 13.13
N ALA A 158 -1.43 -7.06 13.14
CA ALA A 158 -2.63 -7.60 12.47
C ALA A 158 -3.88 -7.11 13.17
N GLU A 159 -3.80 -6.97 14.49
CA GLU A 159 -4.97 -6.63 15.30
C GLU A 159 -5.40 -5.21 14.97
N THR A 160 -4.46 -4.28 14.85
CA THR A 160 -4.84 -2.92 14.48
C THR A 160 -5.17 -2.82 12.99
N LEU A 161 -4.49 -3.61 12.15
CA LEU A 161 -4.74 -3.53 10.73
C LEU A 161 -6.22 -3.90 10.45
N ALA A 162 -6.69 -4.96 11.13
CA ALA A 162 -8.07 -5.43 10.87
C ALA A 162 -9.07 -4.35 11.27
N ARG A 163 -8.86 -3.72 12.42
CA ARG A 163 -9.74 -2.65 12.83
C ARG A 163 -9.68 -1.49 11.85
N ALA A 164 -8.47 -1.15 11.42
CA ALA A 164 -8.30 0.00 10.51
C ALA A 164 -8.98 -0.22 9.18
N VAL A 165 -8.98 -1.45 8.72
CA VAL A 165 -9.63 -1.79 7.46
C VAL A 165 -11.13 -1.60 7.56
N VAL A 166 -11.73 -2.10 8.64
CA VAL A 166 -13.14 -1.88 8.90
C VAL A 166 -13.44 -0.39 9.01
N ARG A 167 -12.60 0.34 9.76
CA ARG A 167 -12.81 1.79 9.90
C ARG A 167 -12.77 2.52 8.55
N ALA A 168 -11.80 2.18 7.72
CA ALA A 168 -11.68 2.79 6.40
C ALA A 168 -12.93 2.53 5.57
N ALA A 169 -13.36 1.28 5.54
CA ALA A 169 -14.55 0.90 4.76
C ALA A 169 -15.76 1.63 5.27
N ASP A 170 -15.94 1.68 6.58
CA ASP A 170 -17.12 2.31 7.16
C ASP A 170 -17.12 3.81 6.98
N MET A 171 -15.93 4.40 6.85
CA MET A 171 -15.80 5.84 6.50
C MET A 171 -16.07 6.16 5.01
N GLY A 172 -16.37 5.14 4.21
CA GLY A 172 -16.76 5.34 2.83
C GLY A 172 -15.64 5.21 1.80
N ALA A 173 -14.49 4.73 2.22
CA ALA A 173 -13.40 4.51 1.28
C ALA A 173 -13.80 3.56 0.17
N ARG A 174 -13.55 4.01 -1.06
CA ARG A 174 -13.72 3.24 -2.29
C ARG A 174 -12.48 2.43 -2.64
N VAL A 175 -11.33 2.90 -2.20
CA VAL A 175 -10.04 2.24 -2.39
C VAL A 175 -9.37 2.32 -1.05
N ILE A 176 -8.76 1.22 -0.59
CA ILE A 176 -8.06 1.19 0.69
C ILE A 176 -6.62 0.75 0.38
N ASN A 177 -5.67 1.62 0.67
CA ASN A 177 -4.26 1.43 0.39
C ASN A 177 -3.49 1.00 1.62
N ILE A 178 -2.78 -0.13 1.51
CA ILE A 178 -2.02 -0.70 2.60
C ILE A 178 -0.58 -0.90 2.09
N SER A 179 0.23 0.16 2.21
CA SER A 179 1.59 0.12 1.72
C SER A 179 2.61 -0.48 2.69
N LEU A 180 2.24 -0.58 3.97
CA LEU A 180 3.04 -1.28 4.95
C LEU A 180 2.85 -2.79 4.83
N VAL A 181 3.89 -3.53 5.18
CA VAL A 181 3.95 -4.99 5.04
C VAL A 181 4.44 -5.59 6.35
N THR A 182 3.82 -6.69 6.74
CA THR A 182 4.31 -7.56 7.79
C THR A 182 4.52 -8.95 7.21
N CYS A 183 5.64 -9.59 7.51
CA CYS A 183 5.89 -10.94 7.06
C CYS A 183 6.05 -11.85 8.25
N LEU A 184 5.60 -13.10 8.09
CA LEU A 184 5.84 -14.13 9.10
C LEU A 184 6.35 -15.38 8.43
N PRO A 185 7.20 -16.14 9.12
CA PRO A 185 7.58 -17.39 8.52
C PRO A 185 6.35 -18.31 8.43
N ALA A 186 6.31 -19.15 7.40
CA ALA A 186 5.18 -20.00 7.13
C ALA A 186 4.94 -20.97 8.29
N ASP A 187 6.00 -21.52 8.86
CA ASP A 187 5.88 -22.42 10.02
C ASP A 187 5.38 -21.72 11.30
N ARG A 188 5.33 -20.38 11.31
CA ARG A 188 4.81 -19.63 12.46
C ARG A 188 3.81 -18.54 12.05
N THR A 189 2.90 -18.86 11.13
CA THR A 189 1.75 -18.00 10.86
C THR A 189 0.54 -18.49 11.64
N ILE A 190 0.07 -17.63 12.56
CA ILE A 190 -1.03 -17.95 13.46
C ILE A 190 -2.33 -17.58 12.76
N ASP A 191 -3.44 -18.09 13.27
CA ASP A 191 -4.77 -17.72 12.82
C ASP A 191 -4.92 -16.23 12.56
N GLN A 192 -5.33 -15.89 11.35
CA GLN A 192 -5.66 -14.53 10.99
C GLN A 192 -7.13 -14.41 10.65
N SER A 193 -7.97 -15.21 11.30
CA SER A 193 -9.40 -15.19 10.97
CA SER A 193 -9.40 -15.18 10.96
C SER A 193 -10.04 -13.80 11.10
N VAL A 194 -9.63 -13.01 12.10
CA VAL A 194 -10.23 -11.68 12.29
C VAL A 194 -9.82 -10.74 11.16
N LEU A 195 -8.55 -10.77 10.80
CA LEU A 195 -8.08 -9.95 9.68
C LEU A 195 -8.75 -10.38 8.37
N GLY A 196 -8.79 -11.67 8.13
CA GLY A 196 -9.52 -12.17 6.98
C GLY A 196 -10.96 -11.67 6.95
N ALA A 197 -11.62 -11.74 8.09
CA ALA A 197 -13.01 -11.29 8.18
C ALA A 197 -13.13 -9.80 7.85
N ALA A 198 -12.22 -9.01 8.39
CA ALA A 198 -12.19 -7.57 8.10
C ALA A 198 -12.00 -7.28 6.61
N LEU A 199 -11.03 -7.95 5.99
CA LEU A 199 -10.76 -7.73 4.57
C LEU A 199 -11.93 -8.15 3.70
N ARG A 200 -12.55 -9.28 4.03
CA ARG A 200 -13.75 -9.71 3.34
C ARG A 200 -14.90 -8.73 3.47
N TYR A 201 -15.13 -8.23 4.68
CA TYR A 201 -16.16 -7.20 4.92
C TYR A 201 -15.95 -5.97 4.07
N ALA A 202 -14.71 -5.48 4.06
CA ALA A 202 -14.39 -4.27 3.31
C ALA A 202 -14.48 -4.50 1.81
N ALA A 203 -14.02 -5.67 1.34
CA ALA A 203 -13.95 -5.91 -0.10
C ALA A 203 -15.29 -6.28 -0.72
N LEU A 204 -16.14 -6.98 0.01
CA LEU A 204 -17.41 -7.48 -0.54
C LEU A 204 -18.59 -6.61 -0.07
N GLU A 205 -18.93 -6.68 1.22
CA GLU A 205 -20.08 -5.94 1.71
C GLU A 205 -19.90 -4.45 1.48
N LYS A 206 -18.70 -3.91 1.74
CA LYS A 206 -18.48 -2.48 1.54
C LYS A 206 -17.89 -2.15 0.17
N ASP A 207 -17.57 -3.17 -0.62
CA ASP A 207 -17.23 -3.00 -2.04
C ASP A 207 -16.01 -2.12 -2.26
N ALA A 208 -15.03 -2.21 -1.36
CA ALA A 208 -13.78 -1.44 -1.51
C ALA A 208 -12.72 -2.23 -2.25
N VAL A 209 -11.99 -1.56 -3.14
CA VAL A 209 -10.80 -2.13 -3.72
C VAL A 209 -9.64 -1.96 -2.71
N ILE A 210 -9.09 -3.07 -2.28
CA ILE A 210 -8.02 -3.06 -1.28
C ILE A 210 -6.72 -3.41 -2.00
N VAL A 211 -5.77 -2.53 -1.85
CA VAL A 211 -4.47 -2.61 -2.52
C VAL A 211 -3.40 -2.68 -1.45
N ALA A 212 -2.50 -3.66 -1.58
CA ALA A 212 -1.43 -3.89 -0.61
C ALA A 212 -0.07 -4.05 -1.27
N ALA A 213 0.97 -3.50 -0.69
CA ALA A 213 2.32 -3.74 -1.15
C ALA A 213 2.70 -5.20 -0.97
N ALA A 214 3.40 -5.81 -1.95
CA ALA A 214 3.75 -7.24 -1.86
C ALA A 214 4.85 -7.52 -0.85
N GLY A 215 5.66 -6.51 -0.57
CA GLY A 215 6.84 -6.69 0.31
C GLY A 215 8.15 -6.62 -0.45
N ASN A 216 9.22 -6.37 0.31
CA ASN A 216 10.57 -6.26 -0.24
C ASN A 216 11.41 -7.32 0.40
N ASN A 217 12.26 -7.95 -0.36
CA ASN A 217 13.10 -8.99 0.25
C ASN A 217 14.16 -8.35 1.19
N ARG A 218 14.54 -9.05 2.25
CA ARG A 218 15.63 -8.60 3.14
C ARG A 218 15.45 -7.16 3.63
N GLY A 224 7.29 -7.64 11.80
CA GLY A 224 7.55 -9.04 12.15
C GLY A 224 8.90 -9.58 11.68
N ALA A 225 8.86 -10.73 11.00
CA ALA A 225 10.06 -11.33 10.42
C ALA A 225 10.54 -10.64 9.14
N ALA A 226 11.83 -10.80 8.82
CA ALA A 226 12.34 -10.30 7.57
C ALA A 226 11.58 -11.02 6.46
N CYS A 227 11.06 -10.26 5.52
CA CYS A 227 10.40 -10.80 4.34
C CYS A 227 11.42 -11.47 3.40
N GLU A 228 11.07 -12.62 2.82
CA GLU A 228 11.94 -13.25 1.85
C GLU A 228 11.13 -13.74 0.67
N SER A 229 11.68 -13.60 -0.53
CA SER A 229 11.04 -14.13 -1.71
C SER A 229 10.79 -15.63 -1.57
N ASN A 230 9.62 -16.04 -2.05
CA ASN A 230 9.22 -17.45 -2.05
C ASN A 230 9.58 -18.14 -3.36
N PRO A 231 9.68 -19.47 -3.35
CA PRO A 231 10.03 -20.16 -4.58
C PRO A 231 9.01 -19.89 -5.68
N LEU A 232 9.51 -19.80 -6.90
CA LEU A 232 8.69 -19.45 -8.04
C LEU A 232 7.83 -20.64 -8.49
N PRO A 233 6.86 -20.39 -9.39
CA PRO A 233 6.02 -21.45 -9.92
C PRO A 233 6.84 -22.67 -10.34
N SER A 234 6.36 -23.87 -10.00
CA SER A 234 7.15 -25.12 -10.14
C SER A 234 6.44 -26.27 -10.86
N GLY A 235 5.29 -25.96 -11.47
CA GLY A 235 4.54 -26.96 -12.22
C GLY A 235 3.82 -28.02 -11.40
N THR A 236 3.51 -27.73 -10.14
CA THR A 236 2.77 -28.67 -9.29
C THR A 236 1.33 -28.74 -9.76
N PRO A 237 0.81 -29.96 -10.03
CA PRO A 237 -0.58 -30.04 -10.44
C PRO A 237 -1.49 -29.41 -9.41
N GLY A 238 -2.38 -28.53 -9.83
CA GLY A 238 -3.35 -27.92 -8.94
C GLY A 238 -2.79 -26.79 -8.10
N ASP A 239 -1.49 -26.54 -8.22
CA ASP A 239 -0.85 -25.44 -7.49
C ASP A 239 0.13 -24.70 -8.41
N PRO A 240 -0.38 -24.13 -9.52
CA PRO A 240 0.54 -23.52 -10.48
C PRO A 240 1.38 -22.35 -9.93
N ARG A 241 0.90 -21.66 -8.92
CA ARG A 241 1.66 -20.51 -8.39
C ARG A 241 2.56 -20.85 -7.23
N ASN A 242 2.52 -22.11 -6.81
CA ASN A 242 3.42 -22.61 -5.76
C ASN A 242 3.14 -22.00 -4.39
N TRP A 243 1.88 -22.01 -4.00
CA TRP A 243 1.50 -21.77 -2.61
C TRP A 243 2.17 -22.77 -1.69
N ASN A 244 2.30 -24.02 -2.14
CA ASN A 244 2.82 -25.11 -1.28
C ASN A 244 4.23 -24.80 -0.80
N GLY A 245 5.00 -24.12 -1.64
CA GLY A 245 6.40 -23.82 -1.37
C GLY A 245 6.63 -22.58 -0.54
N VAL A 246 5.58 -21.85 -0.16
CA VAL A 246 5.77 -20.58 0.56
C VAL A 246 6.49 -20.78 1.88
N THR A 247 7.51 -19.96 2.13
CA THR A 247 8.24 -19.95 3.39
C THR A 247 8.04 -18.64 4.16
N SER A 248 7.65 -17.56 3.45
CA SER A 248 7.52 -16.24 4.05
C SER A 248 6.20 -15.65 3.61
N VAL A 249 5.32 -15.44 4.57
CA VAL A 249 3.95 -14.98 4.30
C VAL A 249 3.89 -13.47 4.38
N SER A 250 3.45 -12.84 3.30
CA SER A 250 3.31 -11.39 3.26
C SER A 250 1.86 -11.01 3.58
N ILE A 251 1.70 -10.19 4.60
CA ILE A 251 0.40 -9.84 5.20
C ILE A 251 0.15 -8.34 4.96
N PRO A 252 -1.04 -7.98 4.46
CA PRO A 252 -2.21 -8.80 4.14
C PRO A 252 -2.29 -9.37 2.70
N SER A 253 -1.22 -9.25 1.93
CA SER A 253 -1.22 -9.73 0.52
C SER A 253 -1.73 -11.15 0.35
N TRP A 254 -1.42 -12.05 1.27
CA TRP A 254 -1.80 -13.44 1.05
C TRP A 254 -3.30 -13.66 1.12
N TRP A 255 -4.05 -12.66 1.59
CA TRP A 255 -5.51 -12.76 1.67
C TRP A 255 -6.19 -12.54 0.33
N GLN A 256 -5.87 -13.39 -0.64
CA GLN A 256 -6.60 -13.49 -1.87
C GLN A 256 -7.98 -14.08 -1.56
N PRO A 257 -9.02 -13.61 -2.26
CA PRO A 257 -9.06 -12.65 -3.36
C PRO A 257 -9.34 -11.20 -2.97
N TYR A 258 -9.36 -10.91 -1.68
CA TYR A 258 -9.84 -9.61 -1.18
C TYR A 258 -8.86 -8.45 -1.41
N VAL A 259 -7.58 -8.80 -1.60
CA VAL A 259 -6.49 -7.84 -1.64
C VAL A 259 -5.77 -7.98 -2.98
N LEU A 260 -5.50 -6.85 -3.65
CA LEU A 260 -4.70 -6.80 -4.86
C LEU A 260 -3.31 -6.48 -4.38
N SER A 261 -2.43 -7.49 -4.50
CA SER A 261 -1.03 -7.40 -4.06
C SER A 261 -0.13 -6.91 -5.18
N VAL A 262 0.66 -5.88 -4.87
CA VAL A 262 1.39 -5.10 -5.84
C VAL A 262 2.89 -5.23 -5.68
N GLY A 263 3.53 -5.78 -6.71
CA GLY A 263 4.99 -5.82 -6.79
C GLY A 263 5.56 -4.55 -7.40
N ALA A 264 6.88 -4.38 -7.29
CA ALA A 264 7.61 -3.19 -7.79
C ALA A 264 8.32 -3.51 -9.10
N VAL A 265 8.25 -2.58 -10.04
CA VAL A 265 9.05 -2.62 -11.25
C VAL A 265 9.97 -1.40 -11.35
N ASP A 266 11.05 -1.58 -12.10
CA ASP A 266 11.84 -0.44 -12.51
C ASP A 266 11.10 0.42 -13.56
N SER A 267 11.69 1.53 -13.98
CA SER A 267 10.95 2.42 -14.90
C SER A 267 10.69 1.81 -16.28
N THR A 268 11.43 0.73 -16.65
CA THR A 268 11.21 -0.02 -17.91
C THR A 268 10.17 -1.12 -17.78
N GLY A 269 9.66 -1.36 -16.57
CA GLY A 269 8.64 -2.36 -16.36
C GLY A 269 9.17 -3.73 -15.95
N GLN A 270 10.48 -3.84 -15.69
CA GLN A 270 11.03 -5.10 -15.23
C GLN A 270 10.91 -5.23 -13.70
N PRO A 271 10.74 -6.46 -13.22
CA PRO A 271 10.68 -6.68 -11.76
C PRO A 271 11.84 -6.00 -11.03
N SER A 272 11.57 -5.23 -10.00
CA SER A 272 12.62 -4.66 -9.18
C SER A 272 13.39 -5.74 -8.45
N SER A 273 14.71 -5.53 -8.29
CA SER A 273 15.55 -6.55 -7.67
C SER A 273 15.06 -6.97 -6.29
N PHE A 274 14.44 -6.03 -5.57
CA PHE A 274 14.00 -6.24 -4.18
C PHE A 274 12.56 -6.72 -4.04
N THR A 275 11.83 -6.86 -5.14
CA THR A 275 10.39 -7.15 -5.00
C THR A 275 10.20 -8.57 -4.47
N MET A 276 9.34 -8.74 -3.47
CA MET A 276 9.20 -10.06 -2.82
C MET A 276 8.31 -10.98 -3.64
N ALA A 277 8.82 -12.13 -4.03
CA ALA A 277 8.04 -13.09 -4.82
C ALA A 277 7.04 -13.80 -3.93
N GLY A 278 5.82 -13.95 -4.43
CA GLY A 278 4.84 -14.78 -3.75
C GLY A 278 3.70 -15.12 -4.70
N PRO A 279 2.93 -16.16 -4.38
CA PRO A 279 1.85 -16.67 -5.26
C PRO A 279 0.63 -15.77 -5.29
N TRP A 280 0.61 -14.75 -4.44
CA TRP A 280 -0.49 -13.79 -4.30
C TRP A 280 -0.32 -12.55 -5.17
N VAL A 281 0.88 -12.31 -5.70
CA VAL A 281 1.17 -11.04 -6.40
C VAL A 281 0.30 -10.97 -7.66
N GLY A 282 -0.43 -9.85 -7.81
CA GLY A 282 -1.41 -9.68 -8.88
C GLY A 282 -1.09 -8.65 -9.95
N ILE A 283 -0.21 -7.71 -9.63
CA ILE A 283 0.03 -6.58 -10.54
C ILE A 283 1.29 -5.91 -10.04
N ALA A 284 1.80 -4.94 -10.78
CA ALA A 284 2.98 -4.19 -10.36
C ALA A 284 2.88 -2.75 -10.75
N ALA A 285 3.75 -1.94 -10.15
CA ALA A 285 3.88 -0.52 -10.57
C ALA A 285 5.28 0.00 -10.20
N PRO A 286 5.64 1.18 -10.69
CA PRO A 286 7.00 1.66 -10.37
C PRO A 286 7.29 1.75 -8.88
N GLY A 287 8.45 1.25 -8.49
CA GLY A 287 8.87 1.25 -7.09
C GLY A 287 10.29 1.75 -6.81
N GLU A 288 10.91 2.44 -7.77
CA GLU A 288 12.31 2.88 -7.64
C GLU A 288 12.44 4.37 -7.88
N ASN A 289 13.39 5.01 -7.18
CA ASN A 289 13.68 6.45 -7.37
C ASN A 289 12.42 7.31 -7.26
N ILE A 290 11.65 7.03 -6.22
CA ILE A 290 10.38 7.68 -6.06
C ILE A 290 10.56 9.14 -5.63
N VAL A 291 9.75 10.03 -6.21
CA VAL A 291 9.63 11.43 -5.79
C VAL A 291 8.19 11.66 -5.37
N SER A 292 8.01 12.22 -4.18
CA SER A 292 6.68 12.53 -3.71
C SER A 292 6.71 13.70 -2.74
N VAL A 293 5.70 13.80 -1.90
CA VAL A 293 5.53 14.93 -1.00
C VAL A 293 6.22 14.66 0.34
N SER A 294 6.78 15.71 0.93
CA SER A 294 7.47 15.61 2.19
C SER A 294 6.57 15.90 3.37
N ASN A 295 6.83 15.25 4.50
CA ASN A 295 6.22 15.60 5.79
C ASN A 295 6.97 16.71 6.56
N ALA A 296 8.03 17.26 5.97
CA ALA A 296 8.69 18.44 6.55
C ALA A 296 7.73 19.62 6.53
N PRO A 297 7.95 20.62 7.39
CA PRO A 297 6.99 21.73 7.50
C PRO A 297 6.62 22.43 6.18
N ASP A 298 7.57 22.58 5.27
CA ASP A 298 7.24 23.25 3.99
C ASP A 298 6.36 22.41 3.07
N GLY A 299 6.34 21.09 3.30
CA GLY A 299 5.53 20.19 2.48
C GLY A 299 5.82 20.18 0.99
N GLY A 300 7.08 20.36 0.63
CA GLY A 300 7.49 20.35 -0.75
C GLY A 300 7.83 18.95 -1.20
N LEU A 301 8.53 18.85 -2.31
CA LEU A 301 8.91 17.56 -2.87
C LEU A 301 10.13 16.96 -2.19
N SER A 302 10.12 15.64 -2.06
CA SER A 302 11.27 14.89 -1.50
C SER A 302 11.45 13.56 -2.20
N ASN A 303 12.63 13.01 -2.07
CA ASN A 303 13.00 11.79 -2.79
C ASN A 303 14.06 10.98 -2.07
N ALA A 304 14.17 11.15 -0.75
CA ALA A 304 15.19 10.44 0.03
C ALA A 304 14.83 10.33 1.49
N LEU A 305 15.47 9.34 2.12
CA LEU A 305 15.43 9.13 3.56
C LEU A 305 16.81 8.81 4.06
N PRO A 306 17.05 9.02 5.37
CA PRO A 306 18.32 8.65 5.96
C PRO A 306 18.48 7.13 6.14
N SER A 307 19.66 6.61 5.81
CA SER A 307 19.98 5.21 6.06
C SER A 307 21.04 5.19 7.14
N GLU A 308 21.98 4.25 7.03
CA GLU A 308 23.06 4.12 7.99
C GLU A 308 23.88 5.40 8.05
N ARG A 309 24.24 5.77 9.28
CA ARG A 309 25.04 6.94 9.56
C ARG A 309 24.52 8.14 8.79
N ASP A 310 23.20 8.25 8.74
CA ASP A 310 22.54 9.45 8.26
C ASP A 310 22.91 9.83 6.85
N ARG A 311 23.23 8.86 6.01
CA ARG A 311 23.40 9.13 4.58
C ARG A 311 22.08 8.94 3.87
N LEU A 312 21.76 9.86 2.96
CA LEU A 312 20.48 9.79 2.27
C LEU A 312 20.50 8.73 1.18
N VAL A 313 19.37 8.06 1.04
CA VAL A 313 19.19 7.04 0.01
C VAL A 313 17.84 7.28 -0.66
N PRO A 314 17.71 6.84 -1.92
CA PRO A 314 16.44 7.08 -2.62
C PRO A 314 15.27 6.34 -1.98
N LEU A 315 14.09 6.82 -2.27
CA LEU A 315 12.87 6.16 -1.85
C LEU A 315 12.60 5.01 -2.80
N THR A 316 12.62 3.79 -2.27
CA THR A 316 12.35 2.60 -3.08
C THR A 316 11.50 1.65 -2.29
N GLY A 317 10.63 0.95 -2.99
CA GLY A 317 9.89 -0.13 -2.35
C GLY A 317 8.54 -0.42 -2.95
N THR A 318 8.02 -1.58 -2.61
CA THR A 318 6.68 -1.97 -3.02
C THR A 318 5.62 -1.07 -2.42
N SER A 319 5.95 -0.40 -1.31
CA SER A 319 5.04 0.61 -0.73
CA SER A 319 4.99 0.54 -0.73
C SER A 319 4.56 1.59 -1.76
N TYR A 320 5.49 2.08 -2.54
CA TYR A 320 5.23 3.13 -3.52
C TYR A 320 4.50 2.59 -4.72
N ALA A 321 4.81 1.36 -5.12
CA ALA A 321 4.14 0.65 -6.21
C ALA A 321 2.66 0.53 -5.85
N ALA A 322 2.37 0.06 -4.64
CA ALA A 322 0.96 -0.05 -4.19
C ALA A 322 0.25 1.28 -4.29
N ALA A 323 0.92 2.34 -3.86
CA ALA A 323 0.32 3.66 -3.89
C ALA A 323 -0.09 4.04 -5.30
N TYR A 324 0.79 3.81 -6.25
CA TYR A 324 0.45 4.07 -7.66
C TYR A 324 -0.80 3.30 -8.07
N VAL A 325 -0.86 2.02 -7.74
CA VAL A 325 -2.02 1.24 -8.10
C VAL A 325 -3.31 1.73 -7.45
N SER A 326 -3.25 2.11 -6.18
CA SER A 326 -4.41 2.74 -5.54
C SER A 326 -4.88 3.99 -6.28
N GLY A 327 -3.94 4.84 -6.67
CA GLY A 327 -4.29 6.01 -7.49
C GLY A 327 -4.96 5.64 -8.81
N VAL A 328 -4.43 4.65 -9.49
CA VAL A 328 -5.04 4.18 -10.73
C VAL A 328 -6.43 3.61 -10.49
N ALA A 329 -6.59 2.84 -9.43
CA ALA A 329 -7.91 2.34 -9.04
C ALA A 329 -8.90 3.49 -8.84
N ALA A 330 -8.47 4.57 -8.20
CA ALA A 330 -9.34 5.74 -8.02
C ALA A 330 -9.72 6.34 -9.38
N LEU A 331 -8.76 6.41 -10.31
CA LEU A 331 -9.10 6.91 -11.66
C LEU A 331 -10.20 6.04 -12.27
N VAL A 332 -10.02 4.74 -12.18
CA VAL A 332 -10.94 3.77 -12.81
C VAL A 332 -12.32 3.87 -12.16
N ARG A 333 -12.37 3.93 -10.82
CA ARG A 333 -13.67 4.01 -10.16
C ARG A 333 -14.40 5.32 -10.41
N SER A 334 -13.66 6.41 -10.64
CA SER A 334 -14.28 7.66 -10.99
C SER A 334 -14.88 7.61 -12.39
N LYS A 335 -14.15 7.06 -13.34
CA LYS A 335 -14.62 6.98 -14.73
C LYS A 335 -15.76 5.99 -14.87
N PHE A 336 -15.68 4.89 -14.13
CA PHE A 336 -16.67 3.82 -14.20
C PHE A 336 -17.23 3.58 -12.80
N PRO A 337 -18.09 4.49 -12.34
CA PRO A 337 -18.53 4.46 -10.92
C PRO A 337 -19.47 3.34 -10.52
N ASP A 338 -19.99 2.61 -11.50
CA ASP A 338 -20.91 1.55 -11.21
C ASP A 338 -20.22 0.20 -11.12
N LEU A 339 -18.95 0.12 -11.47
CA LEU A 339 -18.22 -1.14 -11.35
C LEU A 339 -18.05 -1.53 -9.89
N THR A 340 -18.19 -2.82 -9.62
CA THR A 340 -17.83 -3.38 -8.29
C THR A 340 -16.33 -3.44 -8.13
N ALA A 341 -15.90 -3.66 -6.90
CA ALA A 341 -14.49 -3.80 -6.61
C ALA A 341 -13.92 -4.97 -7.41
N ARG A 342 -14.66 -6.07 -7.52
CA ARG A 342 -14.11 -7.21 -8.29
C ARG A 342 -13.92 -6.81 -9.76
N GLN A 343 -14.88 -6.07 -10.30
CA GLN A 343 -14.79 -5.63 -11.70
C GLN A 343 -13.60 -4.70 -11.88
N VAL A 344 -13.34 -3.84 -10.88
CA VAL A 344 -12.25 -2.89 -10.98
C VAL A 344 -10.91 -3.63 -10.94
N VAL A 345 -10.79 -4.59 -10.04
CA VAL A 345 -9.56 -5.37 -9.97
C VAL A 345 -9.34 -6.14 -11.30
N HIS A 346 -10.38 -6.75 -11.83
CA HIS A 346 -10.29 -7.45 -13.12
C HIS A 346 -9.82 -6.50 -14.22
N ARG A 347 -10.36 -5.31 -14.26
CA ARG A 347 -9.99 -4.34 -15.26
C ARG A 347 -8.49 -3.97 -15.13
N LEU A 348 -8.03 -3.79 -13.89
CA LEU A 348 -6.65 -3.42 -13.67
C LEU A 348 -5.73 -4.54 -14.11
N THR A 349 -6.05 -5.77 -13.70
CA THR A 349 -5.14 -6.88 -14.01
C THR A 349 -5.21 -7.30 -15.49
N THR A 350 -6.40 -7.31 -16.07
CA THR A 350 -6.53 -7.81 -17.45
C THR A 350 -5.91 -6.85 -18.45
N THR A 351 -5.71 -5.59 -18.06
CA THR A 351 -5.12 -4.58 -18.96
C THR A 351 -3.67 -4.25 -18.63
N ALA A 352 -3.09 -4.94 -17.65
CA ALA A 352 -1.70 -4.67 -17.28
C ALA A 352 -0.76 -5.19 -18.39
N GLN A 353 0.50 -4.76 -18.34
CA GLN A 353 1.42 -4.93 -19.47
C GLN A 353 1.77 -6.37 -19.76
N GLY A 354 1.68 -7.24 -18.76
CA GLY A 354 1.96 -8.65 -18.93
C GLY A 354 0.74 -9.56 -18.78
N ALA A 355 -0.45 -9.02 -19.03
CA ALA A 355 -1.69 -9.74 -18.77
C ALA A 355 -1.87 -11.00 -19.63
N ALA A 356 -1.16 -11.06 -20.76
CA ALA A 356 -1.29 -12.18 -21.70
C ALA A 356 -0.33 -13.32 -21.40
N ARG A 357 0.44 -13.19 -20.33
CA ARG A 357 1.33 -14.24 -19.85
C ARG A 357 0.71 -14.86 -18.59
N SER A 358 1.17 -16.05 -18.18
CA SER A 358 0.74 -16.60 -16.89
C SER A 358 1.28 -15.64 -15.83
N PRO A 359 0.54 -15.48 -14.71
CA PRO A 359 0.99 -14.47 -13.75
C PRO A 359 2.37 -14.78 -13.17
N SER A 360 3.11 -13.71 -12.94
CA SER A 360 4.43 -13.75 -12.36
C SER A 360 4.29 -13.68 -10.85
N ASN A 361 5.09 -14.43 -10.10
CA ASN A 361 5.11 -14.27 -8.66
C ASN A 361 5.89 -13.03 -8.24
N LEU A 362 6.57 -12.39 -9.19
CA LEU A 362 7.23 -11.10 -8.89
C LEU A 362 6.29 -9.92 -9.16
N ILE A 363 5.62 -9.93 -10.30
CA ILE A 363 4.86 -8.76 -10.75
C ILE A 363 3.43 -9.05 -11.18
N GLY A 364 2.95 -10.27 -10.94
CA GLY A 364 1.54 -10.59 -11.23
C GLY A 364 1.28 -10.46 -12.71
N ALA A 365 0.21 -9.75 -13.06
CA ALA A 365 -0.11 -9.46 -14.46
C ALA A 365 0.79 -8.39 -15.09
N GLY A 366 1.78 -7.90 -14.35
CA GLY A 366 2.74 -6.94 -14.89
C GLY A 366 2.40 -5.51 -14.52
N MET A 367 3.13 -4.56 -15.10
CA MET A 367 2.94 -3.15 -14.74
C MET A 367 1.54 -2.68 -15.12
N VAL A 368 0.89 -2.04 -14.17
CA VAL A 368 -0.42 -1.43 -14.40
C VAL A 368 -0.33 -0.48 -15.58
N ASP A 369 -1.42 -0.42 -16.34
CA ASP A 369 -1.48 0.40 -17.55
C ASP A 369 -2.73 1.26 -17.45
N PRO A 370 -2.59 2.47 -16.87
CA PRO A 370 -3.76 3.28 -16.59
C PRO A 370 -4.63 3.61 -17.80
N VAL A 371 -4.04 3.99 -18.92
CA VAL A 371 -4.84 4.36 -20.09
C VAL A 371 -5.61 3.14 -20.62
N ALA A 372 -4.94 1.99 -20.64
CA ALA A 372 -5.62 0.75 -21.08
C ALA A 372 -6.77 0.42 -20.14
N ALA A 373 -6.54 0.58 -18.83
CA ALA A 373 -7.60 0.29 -17.85
C ALA A 373 -8.79 1.23 -18.00
N LEU A 374 -8.51 2.46 -18.41
CA LEU A 374 -9.52 3.47 -18.54
C LEU A 374 -10.28 3.40 -19.85
N THR A 375 -9.76 2.64 -20.82
CA THR A 375 -10.40 2.58 -22.14
C THR A 375 -10.86 1.19 -22.58
N TRP A 376 -10.53 0.16 -21.82
CA TRP A 376 -10.90 -1.21 -22.18
C TRP A 376 -12.41 -1.41 -22.19
N ASP A 377 -12.89 -2.17 -23.16
CA ASP A 377 -14.30 -2.53 -23.25
C ASP A 377 -14.43 -4.02 -22.95
#